data_3JYR
#
_entry.id   3JYR
#
_cell.length_a   76.921
_cell.length_b   89.229
_cell.length_c   64.163
_cell.angle_alpha   90.00
_cell.angle_beta   112.77
_cell.angle_gamma   90.00
#
_symmetry.space_group_name_H-M   'C 1 2 1'
#
loop_
_entity.id
_entity.type
_entity.pdbx_description
1 polymer 'Maltose-binding periplasmic protein'
2 branched 4,6-dideoxy-4-{[(1S,4R,5S,6S)-4,5,6-trihydroxy-3-(hydroxymethyl)cyclohex-2-en-1-yl]amino}-alpha-D-glucopyranose-(1-4)-alpha-D-glucopyranose-(1-4)-alpha-D-glucopyranose
3 water water
#
_entity_poly.entity_id   1
_entity_poly.type   'polypeptide(L)'
_entity_poly.pdbx_seq_one_letter_code
;MKIKTGVGILALSALTTMMISAPALAKIEEGKLVIWINGDKGYNGLAEVGKKFEQDTGIKVTVEHPDKLEEKFPQVAATG
DGPDIIFWAHDRFGGYAQSGLLAEVTPDKAFQDKLYPFTWDAVRYNGKLIAYPIAVEALSLIYNKDLVPNPPKTWEEIPA
LDKELKVKGKSAIMFNLQEPYFTWPLIAADGGYAFKFENGKYDVKDVGVDNAGAKAGLTFLIDMIKNKNMSADTDYSIAE
AAFNKGETAMTINGPWAWSNIDKSKVNYGVTLLPTFKGKPSKPFVGVLSAGINAASPNKELAKEFLENYLLTDQGLEAVN
KDKPLGAVALKSFQEQLAKDPRIAATMDNAQKGEIMPNIPQMSAFWYAVRTAVINAASGRQTVDAALKDAQSRITK
;
_entity_poly.pdbx_strand_id   A
#
# COMPACT_ATOMS: atom_id res chain seq x y z
N LYS A 27 14.54 -25.97 5.07
CA LYS A 27 13.75 -25.93 6.33
C LYS A 27 14.03 -24.66 7.10
N ILE A 28 13.04 -24.19 7.86
CA ILE A 28 13.22 -23.00 8.70
C ILE A 28 13.92 -23.36 10.02
N GLU A 29 14.92 -22.58 10.41
CA GLU A 29 15.66 -22.81 11.65
C GLU A 29 14.84 -22.55 12.91
N GLU A 30 14.86 -23.53 13.82
CA GLU A 30 14.20 -23.41 15.10
C GLU A 30 15.13 -22.68 16.08
N GLY A 31 14.58 -21.77 16.87
CA GLY A 31 15.34 -21.03 17.89
C GLY A 31 15.84 -19.65 17.50
N LYS A 32 15.31 -19.14 16.39
CA LYS A 32 15.70 -17.87 15.79
C LYS A 32 14.40 -17.33 15.15
N LEU A 33 14.35 -16.02 14.86
CA LEU A 33 13.31 -15.49 13.97
C LEU A 33 13.92 -14.85 12.73
N VAL A 34 13.36 -15.19 11.58
CA VAL A 34 13.66 -14.52 10.32
C VAL A 34 12.40 -13.79 9.88
N ILE A 35 12.55 -12.51 9.58
CA ILE A 35 11.42 -11.65 9.21
C ILE A 35 11.65 -11.09 7.80
N TRP A 36 10.62 -11.12 6.96
CA TRP A 36 10.67 -10.42 5.66
C TRP A 36 9.75 -9.20 5.67
N ILE A 37 10.25 -8.06 5.21
CA ILE A 37 9.45 -6.83 5.11
C ILE A 37 9.91 -6.07 3.88
N ASN A 38 9.01 -5.34 3.24
CA ASN A 38 9.35 -4.67 1.98
C ASN A 38 10.39 -3.55 2.18
N GLY A 39 11.25 -3.40 1.17
CA GLY A 39 12.35 -2.47 1.23
C GLY A 39 11.95 -1.00 1.29
N ASP A 40 10.68 -0.69 1.08
CA ASP A 40 10.22 0.71 1.24
C ASP A 40 9.73 1.00 2.66
N LYS A 41 9.77 -0.01 3.53
CA LYS A 41 9.32 0.13 4.92
C LYS A 41 10.50 0.33 5.89
N GLY A 42 10.19 0.61 7.16
CA GLY A 42 11.21 0.91 8.15
C GLY A 42 11.90 -0.34 8.69
N TYR A 43 12.61 -1.04 7.82
CA TYR A 43 13.23 -2.32 8.23
C TYR A 43 14.36 -2.14 9.23
N ASN A 44 15.06 -1.01 9.18
CA ASN A 44 16.09 -0.76 10.19
C ASN A 44 15.46 -0.53 11.58
N GLY A 45 14.36 0.23 11.62
CA GLY A 45 13.60 0.42 12.86
C GLY A 45 13.08 -0.92 13.41
N LEU A 46 12.55 -1.76 12.52
CA LEU A 46 12.09 -3.10 12.92
C LEU A 46 13.23 -3.95 13.49
N ALA A 47 14.42 -3.87 12.89
CA ALA A 47 15.58 -4.59 13.42
C ALA A 47 15.94 -4.12 14.84
N GLU A 48 15.68 -2.84 15.14
CA GLU A 48 15.89 -2.31 16.50
C GLU A 48 14.95 -3.00 17.49
N VAL A 49 13.71 -3.25 17.07
CA VAL A 49 12.76 -4.01 17.89
C VAL A 49 13.29 -5.45 18.04
N GLY A 50 13.84 -5.98 16.95
CA GLY A 50 14.47 -7.31 16.95
C GLY A 50 15.62 -7.37 17.95
N LYS A 51 16.40 -6.29 18.03
CA LYS A 51 17.51 -6.20 18.98
C LYS A 51 17.04 -6.20 20.44
N LYS A 52 15.95 -5.47 20.72
CA LYS A 52 15.32 -5.46 22.05
C LYS A 52 14.85 -6.87 22.42
N PHE A 53 14.19 -7.55 21.48
CA PHE A 53 13.76 -8.93 21.69
C PHE A 53 14.94 -9.82 22.08
N GLU A 54 16.03 -9.69 21.32
CA GLU A 54 17.25 -10.47 21.60
C GLU A 54 17.85 -10.16 22.97
N GLN A 55 17.94 -8.87 23.30
CA GLN A 55 18.41 -8.45 24.62
C GLN A 55 17.64 -9.15 25.75
N ASP A 56 16.32 -9.25 25.60
CA ASP A 56 15.45 -9.80 26.65
C ASP A 56 15.46 -11.32 26.70
N THR A 57 15.48 -11.96 25.54
CA THR A 57 15.18 -13.38 25.44
C THR A 57 16.36 -14.23 24.96
N GLY A 58 17.39 -13.57 24.44
CA GLY A 58 18.55 -14.25 23.84
C GLY A 58 18.28 -14.81 22.46
N ILE A 59 17.07 -14.59 21.94
CA ILE A 59 16.69 -15.10 20.62
C ILE A 59 17.03 -14.05 19.54
N LYS A 60 17.79 -14.49 18.56
CA LYS A 60 18.27 -13.65 17.46
C LYS A 60 17.14 -13.40 16.47
N VAL A 61 16.98 -12.14 16.06
CA VAL A 61 15.98 -11.78 15.04
C VAL A 61 16.72 -11.23 13.82
N THR A 62 16.47 -11.82 12.65
CA THR A 62 17.10 -11.38 11.41
C THR A 62 16.04 -10.76 10.50
N VAL A 63 16.12 -9.45 10.31
CA VAL A 63 15.18 -8.76 9.40
C VAL A 63 15.80 -8.69 8.00
N GLU A 64 15.03 -9.11 7.00
CA GLU A 64 15.46 -9.11 5.60
C GLU A 64 14.43 -8.35 4.77
N HIS A 65 14.88 -7.77 3.67
CA HIS A 65 13.98 -7.10 2.71
C HIS A 65 14.27 -7.61 1.30
N PRO A 66 13.94 -8.89 1.03
CA PRO A 66 14.30 -9.44 -0.27
C PRO A 66 13.56 -8.76 -1.40
N ASP A 67 14.20 -8.75 -2.57
CA ASP A 67 13.56 -8.31 -3.79
C ASP A 67 12.34 -9.24 -4.06
N LYS A 68 11.21 -8.65 -4.46
CA LYS A 68 10.01 -9.46 -4.83
C LYS A 68 9.62 -10.49 -3.76
N LEU A 69 9.71 -10.09 -2.49
CA LEU A 69 9.48 -11.05 -1.38
C LEU A 69 8.08 -11.65 -1.43
N GLU A 70 7.12 -10.87 -1.91
CA GLU A 70 5.73 -11.30 -1.95
C GLU A 70 5.49 -12.35 -3.03
N GLU A 71 6.37 -12.41 -4.03
CA GLU A 71 6.36 -13.47 -5.04
C GLU A 71 7.18 -14.68 -4.60
N LYS A 72 8.26 -14.42 -3.86
CA LYS A 72 9.11 -15.53 -3.40
C LYS A 72 8.43 -16.31 -2.30
N PHE A 73 7.72 -15.61 -1.42
CA PHE A 73 7.06 -16.28 -0.28
C PHE A 73 6.17 -17.49 -0.64
N PRO A 74 5.19 -17.32 -1.54
CA PRO A 74 4.38 -18.51 -1.87
C PRO A 74 5.18 -19.66 -2.49
N GLN A 75 6.29 -19.34 -3.15
CA GLN A 75 7.17 -20.36 -3.74
C GLN A 75 7.89 -21.16 -2.64
N VAL A 76 8.61 -20.46 -1.77
CA VAL A 76 9.40 -21.14 -0.73
C VAL A 76 8.55 -21.70 0.42
N ALA A 77 7.47 -21.00 0.79
CA ALA A 77 6.65 -21.46 1.92
C ALA A 77 5.98 -22.77 1.54
N ALA A 78 5.71 -22.95 0.24
CA ALA A 78 5.05 -24.17 -0.25
C ALA A 78 5.90 -25.41 0.04
N THR A 79 7.22 -25.23 0.14
CA THR A 79 8.10 -26.35 0.49
C THR A 79 8.50 -26.36 1.97
N GLY A 80 7.80 -25.57 2.79
CA GLY A 80 8.15 -25.45 4.23
C GLY A 80 9.38 -24.61 4.51
N ASP A 81 9.64 -23.65 3.63
CA ASP A 81 10.79 -22.77 3.75
C ASP A 81 10.34 -21.32 3.83
N GLY A 82 11.31 -20.40 3.86
CA GLY A 82 11.01 -18.97 3.94
C GLY A 82 11.15 -18.39 5.33
N PRO A 83 10.61 -17.18 5.56
CA PRO A 83 10.78 -16.53 6.85
C PRO A 83 9.79 -17.08 7.88
N ASP A 84 10.03 -16.83 9.16
CA ASP A 84 9.01 -17.12 10.18
C ASP A 84 7.82 -16.16 10.05
N ILE A 85 8.12 -14.91 9.70
CA ILE A 85 7.12 -13.84 9.65
C ILE A 85 7.31 -13.04 8.36
N ILE A 86 6.19 -12.79 7.68
CA ILE A 86 6.18 -12.02 6.45
C ILE A 86 5.27 -10.80 6.67
N PHE A 87 5.78 -9.63 6.30
CA PHE A 87 5.02 -8.40 6.32
C PHE A 87 4.63 -8.08 4.88
N TRP A 88 3.36 -7.77 4.68
CA TRP A 88 2.86 -7.17 3.44
C TRP A 88 1.51 -6.53 3.74
N ALA A 89 0.97 -5.74 2.80
CA ALA A 89 -0.44 -5.35 2.92
C ALA A 89 -1.33 -6.58 2.86
N HIS A 90 -2.49 -6.54 3.52
CA HIS A 90 -3.35 -7.70 3.68
C HIS A 90 -3.88 -8.33 2.39
N ASP A 91 -3.88 -7.56 1.30
CA ASP A 91 -4.41 -8.09 0.02
C ASP A 91 -3.70 -9.37 -0.45
N ARG A 92 -2.44 -9.56 -0.09
CA ARG A 92 -1.72 -10.78 -0.49
C ARG A 92 -2.09 -11.98 0.35
N PHE A 93 -2.65 -11.73 1.53
CA PHE A 93 -2.71 -12.77 2.56
C PHE A 93 -3.78 -13.84 2.37
N GLY A 94 -4.89 -13.50 1.71
CA GLY A 94 -5.93 -14.48 1.38
C GLY A 94 -5.41 -15.61 0.51
N GLY A 95 -4.66 -15.25 -0.54
CA GLY A 95 -3.97 -16.20 -1.40
C GLY A 95 -3.02 -17.10 -0.60
N TYR A 96 -2.25 -16.51 0.29
CA TYR A 96 -1.30 -17.30 1.09
C TYR A 96 -2.05 -18.28 2.01
N ALA A 97 -3.11 -17.79 2.64
CA ALA A 97 -3.92 -18.61 3.57
C ALA A 97 -4.66 -19.73 2.83
N GLN A 98 -5.20 -19.40 1.66
CA GLN A 98 -5.92 -20.40 0.85
C GLN A 98 -4.97 -21.55 0.52
N SER A 99 -3.70 -21.22 0.30
CA SER A 99 -2.67 -22.20 -0.03
C SER A 99 -2.08 -22.93 1.18
N GLY A 100 -2.59 -22.61 2.38
CA GLY A 100 -2.14 -23.24 3.62
C GLY A 100 -0.78 -22.76 4.11
N LEU A 101 -0.39 -21.56 3.72
CA LEU A 101 0.96 -21.03 4.02
C LEU A 101 1.07 -20.17 5.28
N LEU A 102 -0.07 -19.80 5.88
CA LEU A 102 -0.09 -18.97 7.09
C LEU A 102 -0.77 -19.66 8.27
N ALA A 103 -0.13 -19.58 9.43
CA ALA A 103 -0.72 -20.02 10.69
C ALA A 103 -1.89 -19.14 11.11
N GLU A 104 -2.90 -19.75 11.72
CA GLU A 104 -3.91 -18.98 12.42
C GLU A 104 -3.28 -18.29 13.63
N VAL A 105 -3.51 -17.00 13.77
CA VAL A 105 -2.95 -16.27 14.92
C VAL A 105 -3.91 -16.39 16.08
N THR A 106 -3.37 -16.35 17.31
CA THR A 106 -4.18 -16.59 18.51
C THR A 106 -4.19 -15.46 19.54
N PRO A 107 -4.44 -14.20 19.11
CA PRO A 107 -4.50 -13.15 20.12
C PRO A 107 -5.73 -13.34 21.02
N ASP A 108 -5.59 -13.12 22.32
CA ASP A 108 -6.78 -13.20 23.19
C ASP A 108 -7.63 -11.96 23.03
N LYS A 109 -8.82 -11.98 23.62
CA LYS A 109 -9.74 -10.86 23.52
C LYS A 109 -9.13 -9.53 23.96
N ALA A 110 -8.40 -9.56 25.07
CA ALA A 110 -7.78 -8.35 25.62
C ALA A 110 -6.78 -7.76 24.62
N PHE A 111 -6.04 -8.63 23.95
CA PHE A 111 -5.11 -8.15 22.92
C PHE A 111 -5.85 -7.60 21.69
N GLN A 112 -6.86 -8.33 21.20
CA GLN A 112 -7.68 -7.86 20.08
C GLN A 112 -8.26 -6.48 20.35
N ASP A 113 -8.65 -6.22 21.61
CA ASP A 113 -9.25 -4.95 22.00
C ASP A 113 -8.28 -3.77 21.89
N LYS A 114 -6.98 -4.07 21.85
CA LYS A 114 -5.95 -3.03 21.70
C LYS A 114 -5.85 -2.47 20.27
N LEU A 115 -6.41 -3.19 19.30
CA LEU A 115 -6.36 -2.73 17.89
C LEU A 115 -7.75 -2.36 17.39
N TYR A 116 -7.83 -1.51 16.36
CA TYR A 116 -9.14 -1.16 15.78
C TYR A 116 -9.81 -2.37 15.11
N PRO A 117 -11.12 -2.58 15.39
CA PRO A 117 -11.86 -3.73 14.84
C PRO A 117 -11.69 -3.94 13.35
N PHE A 118 -11.76 -2.86 12.54
CA PHE A 118 -11.71 -3.03 11.09
C PHE A 118 -10.36 -3.58 10.62
N THR A 119 -9.31 -3.41 11.43
CA THR A 119 -7.99 -3.90 11.03
C THR A 119 -7.96 -5.44 11.17
N TRP A 120 -8.64 -5.97 12.18
CA TRP A 120 -8.79 -7.43 12.30
C TRP A 120 -9.61 -8.01 11.14
N ASP A 121 -10.63 -7.25 10.71
CA ASP A 121 -11.47 -7.70 9.60
C ASP A 121 -10.63 -7.92 8.33
N ALA A 122 -9.64 -7.05 8.12
CA ALA A 122 -8.77 -7.11 6.94
C ALA A 122 -7.92 -8.37 6.92
N VAL A 123 -7.62 -8.91 8.09
CA VAL A 123 -6.78 -10.11 8.22
C VAL A 123 -7.54 -11.36 8.60
N ARG A 124 -8.87 -11.33 8.45
CA ARG A 124 -9.70 -12.51 8.66
CA ARG A 124 -9.68 -12.51 8.67
C ARG A 124 -9.97 -13.18 7.33
N TYR A 125 -9.69 -14.47 7.25
CA TYR A 125 -9.86 -15.24 6.00
C TYR A 125 -10.58 -16.54 6.31
N ASN A 126 -11.75 -16.70 5.69
CA ASN A 126 -12.60 -17.86 5.90
C ASN A 126 -12.82 -18.14 7.40
N GLY A 127 -13.09 -17.06 8.13
CA GLY A 127 -13.43 -17.12 9.55
C GLY A 127 -12.27 -17.09 10.53
N LYS A 128 -11.06 -17.17 10.01
CA LYS A 128 -9.85 -17.23 10.84
C LYS A 128 -8.99 -15.99 10.73
N LEU A 129 -8.43 -15.57 11.87
CA LEU A 129 -7.42 -14.50 11.85
C LEU A 129 -6.09 -15.12 11.36
N ILE A 130 -5.56 -14.59 10.27
CA ILE A 130 -4.34 -15.14 9.64
C ILE A 130 -3.16 -14.16 9.58
N ALA A 131 -3.28 -13.06 10.33
CA ALA A 131 -2.16 -12.13 10.52
C ALA A 131 -2.46 -11.11 11.63
N TYR A 132 -1.42 -10.39 12.05
CA TYR A 132 -1.55 -9.25 12.95
C TYR A 132 -1.50 -7.96 12.13
N PRO A 133 -2.57 -7.13 12.22
CA PRO A 133 -2.53 -5.83 11.56
C PRO A 133 -1.58 -4.88 12.25
N ILE A 134 -0.91 -4.04 11.46
CA ILE A 134 0.11 -3.13 11.98
C ILE A 134 -0.25 -1.68 11.68
N ALA A 135 -0.58 -1.39 10.43
CA ALA A 135 -0.77 -0.01 9.99
C ALA A 135 -1.76 0.09 8.84
N VAL A 136 -2.39 1.25 8.71
CA VAL A 136 -3.43 1.46 7.72
C VAL A 136 -2.92 2.49 6.73
N GLU A 137 -2.76 2.06 5.48
CA GLU A 137 -2.06 2.83 4.45
C GLU A 137 -3.04 3.32 3.38
N ALA A 138 -2.97 4.60 3.08
CA ALA A 138 -3.62 5.11 1.87
C ALA A 138 -2.71 6.14 1.21
N LEU A 139 -2.79 6.21 -0.12
CA LEU A 139 -2.10 7.24 -0.89
C LEU A 139 -2.76 8.59 -0.66
N SER A 140 -1.92 9.64 -0.65
CA SER A 140 -2.39 11.02 -0.62
C SER A 140 -1.70 11.83 -1.69
N LEU A 141 -2.23 13.02 -1.93
CA LEU A 141 -1.56 13.99 -2.76
C LEU A 141 -0.52 14.70 -1.89
N ILE A 142 0.73 14.70 -2.36
CA ILE A 142 1.83 15.35 -1.66
C ILE A 142 2.27 16.52 -2.51
N TYR A 143 2.33 17.71 -1.91
CA TYR A 143 2.62 18.89 -2.71
C TYR A 143 3.66 19.79 -2.05
N ASN A 144 4.40 20.51 -2.90
CA ASN A 144 5.43 21.46 -2.50
C ASN A 144 4.75 22.79 -2.24
N LYS A 145 4.72 23.19 -0.97
CA LYS A 145 3.94 24.35 -0.49
C LYS A 145 4.42 25.64 -1.14
N ASP A 146 5.70 25.66 -1.51
CA ASP A 146 6.31 26.86 -2.10
C ASP A 146 6.02 26.96 -3.60
N LEU A 147 5.94 25.83 -4.29
CA LEU A 147 5.61 25.80 -5.71
C LEU A 147 4.11 25.90 -5.98
N VAL A 148 3.31 25.28 -5.13
CA VAL A 148 1.85 25.26 -5.24
C VAL A 148 1.22 25.50 -3.85
N PRO A 149 1.11 26.77 -3.45
CA PRO A 149 0.54 27.08 -2.14
C PRO A 149 -0.88 26.56 -1.95
N ASN A 150 -1.66 26.54 -3.02
CA ASN A 150 -3.03 26.03 -2.96
C ASN A 150 -3.16 24.85 -3.89
N PRO A 151 -3.00 23.63 -3.37
CA PRO A 151 -3.02 22.45 -4.24
C PRO A 151 -4.34 22.29 -4.99
N PRO A 152 -4.29 21.71 -6.20
CA PRO A 152 -5.48 21.60 -7.03
C PRO A 152 -6.54 20.65 -6.43
N LYS A 153 -7.79 21.12 -6.39
CA LYS A 153 -8.89 20.30 -5.89
C LYS A 153 -9.31 19.21 -6.91
N THR A 154 -9.05 19.47 -8.21
CA THR A 154 -9.48 18.54 -9.29
C THR A 154 -8.32 18.03 -10.13
N TRP A 155 -8.47 16.83 -10.68
CA TRP A 155 -7.53 16.35 -11.66
C TRP A 155 -7.56 17.22 -12.93
N GLU A 156 -8.76 17.65 -13.30
CA GLU A 156 -8.96 18.35 -14.59
C GLU A 156 -8.14 19.64 -14.70
N GLU A 157 -7.85 20.26 -13.56
CA GLU A 157 -7.10 21.54 -13.58
C GLU A 157 -5.58 21.36 -13.64
N ILE A 158 -5.11 20.12 -13.49
CA ILE A 158 -3.67 19.85 -13.42
C ILE A 158 -2.91 20.15 -14.73
N PRO A 159 -3.47 19.76 -15.91
CA PRO A 159 -2.78 20.20 -17.14
C PRO A 159 -2.50 21.72 -17.26
N ALA A 160 -3.47 22.57 -16.89
CA ALA A 160 -3.24 24.02 -16.91
C ALA A 160 -2.16 24.42 -15.91
N LEU A 161 -2.13 23.75 -14.76
CA LEU A 161 -1.12 24.00 -13.74
C LEU A 161 0.27 23.64 -14.30
N ASP A 162 0.35 22.50 -14.99
CA ASP A 162 1.60 22.07 -15.60
C ASP A 162 2.10 23.08 -16.61
N LYS A 163 1.19 23.60 -17.43
CA LYS A 163 1.56 24.57 -18.44
C LYS A 163 2.21 25.81 -17.78
N GLU A 164 1.65 26.28 -16.66
CA GLU A 164 2.27 27.42 -15.98
C GLU A 164 3.61 27.09 -15.36
N LEU A 165 3.73 25.93 -14.72
CA LEU A 165 4.99 25.52 -14.10
C LEU A 165 6.12 25.27 -15.10
N LYS A 166 5.79 24.80 -16.31
CA LYS A 166 6.78 24.47 -17.35
C LYS A 166 7.58 25.70 -17.77
N VAL A 167 6.95 26.86 -17.65
CA VAL A 167 7.62 28.12 -17.96
C VAL A 167 8.86 28.30 -17.09
N LYS A 168 8.80 27.80 -15.85
CA LYS A 168 9.90 27.81 -14.88
C LYS A 168 10.75 26.52 -14.91
N GLY A 169 10.53 25.68 -15.91
CA GLY A 169 11.26 24.42 -16.04
C GLY A 169 10.88 23.42 -14.97
N LYS A 170 9.65 23.55 -14.46
CA LYS A 170 9.08 22.60 -13.48
C LYS A 170 7.86 21.92 -14.08
N SER A 171 7.44 20.81 -13.46
CA SER A 171 6.20 20.15 -13.84
C SER A 171 5.22 20.11 -12.67
N ALA A 172 3.92 19.92 -12.99
CA ALA A 172 2.88 19.87 -11.97
C ALA A 172 2.96 18.61 -11.10
N ILE A 173 3.07 17.45 -11.74
CA ILE A 173 2.97 16.19 -11.00
C ILE A 173 3.79 15.04 -11.60
N MET A 174 4.37 14.22 -10.73
CA MET A 174 5.02 12.98 -11.13
C MET A 174 4.77 11.94 -10.08
N PHE A 175 4.36 10.77 -10.54
CA PHE A 175 4.19 9.63 -9.64
C PHE A 175 4.42 8.33 -10.40
N ASN A 176 4.58 7.25 -9.66
CA ASN A 176 4.91 5.96 -10.22
C ASN A 176 3.80 5.44 -11.17
N LEU A 177 4.08 5.39 -12.47
CA LEU A 177 3.12 4.87 -13.44
C LEU A 177 3.31 3.39 -13.73
N GLN A 178 4.31 2.77 -13.11
CA GLN A 178 4.60 1.35 -13.33
C GLN A 178 3.78 0.39 -12.47
N GLU A 179 3.42 0.84 -11.25
CA GLU A 179 2.63 0.03 -10.32
C GLU A 179 1.18 0.49 -10.29
N PRO A 180 0.23 -0.44 -10.55
CA PRO A 180 -1.19 -0.05 -10.66
C PRO A 180 -1.79 0.52 -9.36
N TYR A 181 -1.19 0.18 -8.22
CA TYR A 181 -1.55 0.79 -6.93
C TYR A 181 -1.69 2.32 -7.05
N PHE A 182 -0.75 2.95 -7.76
CA PHE A 182 -0.70 4.43 -7.80
C PHE A 182 -1.69 5.09 -8.76
N THR A 183 -2.08 4.35 -9.79
CA THR A 183 -3.05 4.85 -10.78
C THR A 183 -4.47 4.46 -10.44
N TRP A 184 -4.61 3.37 -9.68
CA TRP A 184 -5.93 2.94 -9.21
C TRP A 184 -6.86 4.02 -8.60
N PRO A 185 -6.34 4.96 -7.78
CA PRO A 185 -7.30 5.93 -7.22
C PRO A 185 -8.05 6.74 -8.28
N LEU A 186 -7.40 7.02 -9.39
CA LEU A 186 -8.01 7.75 -10.49
C LEU A 186 -8.90 6.83 -11.34
N ILE A 187 -8.47 5.60 -11.57
CA ILE A 187 -9.31 4.63 -12.32
C ILE A 187 -10.62 4.34 -11.55
N ALA A 188 -10.52 4.26 -10.22
CA ALA A 188 -11.70 3.97 -9.40
C ALA A 188 -12.66 5.17 -9.26
N ALA A 189 -12.13 6.37 -9.45
CA ALA A 189 -12.87 7.57 -9.08
C ALA A 189 -14.26 7.59 -9.69
N ASP A 190 -14.33 7.41 -11.00
CA ASP A 190 -15.60 7.57 -11.72
C ASP A 190 -16.40 6.26 -11.83
N GLY A 191 -15.88 5.17 -11.26
CA GLY A 191 -16.66 3.95 -11.19
C GLY A 191 -15.94 2.64 -11.30
N GLY A 192 -14.63 2.68 -11.52
CA GLY A 192 -13.84 1.44 -11.56
C GLY A 192 -13.91 0.74 -10.21
N TYR A 193 -13.92 -0.60 -10.24
CA TYR A 193 -13.75 -1.40 -9.02
C TYR A 193 -13.08 -2.72 -9.37
N ALA A 194 -12.62 -3.41 -8.34
CA ALA A 194 -12.00 -4.73 -8.52
C ALA A 194 -13.08 -5.82 -8.51
N PHE A 195 -13.56 -6.16 -7.31
CA PHE A 195 -14.60 -7.17 -7.16
C PHE A 195 -15.79 -6.59 -6.42
N LYS A 196 -16.99 -6.83 -6.95
CA LYS A 196 -18.22 -6.39 -6.29
C LYS A 196 -18.50 -7.22 -5.06
N PHE A 197 -18.82 -6.54 -3.95
CA PHE A 197 -19.25 -7.22 -2.74
C PHE A 197 -20.76 -7.37 -2.83
N GLU A 198 -21.20 -8.61 -2.90
CA GLU A 198 -22.62 -8.93 -3.12
C GLU A 198 -23.01 -10.17 -2.33
N ASN A 199 -24.21 -10.14 -1.76
CA ASN A 199 -24.72 -11.22 -0.91
C ASN A 199 -23.68 -11.67 0.13
N GLY A 200 -23.09 -10.66 0.77
CA GLY A 200 -22.16 -10.87 1.87
C GLY A 200 -20.78 -11.38 1.54
N LYS A 201 -20.39 -11.36 0.25
CA LYS A 201 -19.04 -11.80 -0.15
C LYS A 201 -18.61 -11.15 -1.46
N TYR A 202 -17.31 -11.18 -1.73
CA TYR A 202 -16.81 -10.70 -3.02
C TYR A 202 -17.18 -11.68 -4.12
N ASP A 203 -17.84 -11.17 -5.16
CA ASP A 203 -18.24 -11.96 -6.31
C ASP A 203 -17.09 -11.94 -7.30
N VAL A 204 -16.37 -13.06 -7.41
CA VAL A 204 -15.15 -13.12 -8.23
C VAL A 204 -15.40 -13.02 -9.73
N LYS A 205 -16.68 -13.11 -10.12
CA LYS A 205 -17.04 -12.95 -11.53
C LYS A 205 -17.62 -11.56 -11.85
N ASP A 206 -17.74 -10.71 -10.82
CA ASP A 206 -18.25 -9.35 -11.04
C ASP A 206 -17.11 -8.38 -10.82
N VAL A 207 -16.45 -8.01 -11.92
CA VAL A 207 -15.22 -7.22 -11.93
C VAL A 207 -15.49 -5.89 -12.66
N GLY A 208 -14.92 -4.81 -12.16
CA GLY A 208 -15.23 -3.48 -12.69
C GLY A 208 -14.05 -2.75 -13.32
N VAL A 209 -13.20 -3.47 -14.02
CA VAL A 209 -11.98 -2.87 -14.57
C VAL A 209 -12.23 -2.28 -15.97
N ASP A 210 -13.27 -2.74 -16.66
CA ASP A 210 -13.56 -2.21 -18.00
C ASP A 210 -14.92 -1.54 -18.11
N ASN A 211 -15.43 -1.01 -17.00
CA ASN A 211 -16.64 -0.22 -17.07
C ASN A 211 -16.33 1.21 -17.50
N ALA A 212 -17.37 2.01 -17.70
CA ALA A 212 -17.21 3.35 -18.23
C ALA A 212 -16.35 4.21 -17.33
N GLY A 213 -16.52 4.06 -16.00
CA GLY A 213 -15.76 4.85 -15.02
C GLY A 213 -14.28 4.56 -15.08
N ALA A 214 -13.94 3.28 -15.10
CA ALA A 214 -12.56 2.85 -15.21
C ALA A 214 -11.89 3.43 -16.47
N LYS A 215 -12.61 3.37 -17.58
CA LYS A 215 -12.07 3.84 -18.83
C LYS A 215 -11.91 5.35 -18.78
N ALA A 216 -12.89 6.07 -18.20
CA ALA A 216 -12.78 7.53 -18.12
C ALA A 216 -11.51 7.95 -17.36
N GLY A 217 -11.25 7.28 -16.23
CA GLY A 217 -10.05 7.57 -15.43
C GLY A 217 -8.75 7.25 -16.16
N LEU A 218 -8.68 6.07 -16.77
CA LEU A 218 -7.44 5.70 -17.46
C LEU A 218 -7.22 6.60 -18.69
N THR A 219 -8.32 6.97 -19.37
CA THR A 219 -8.22 7.91 -20.49
C THR A 219 -7.63 9.26 -20.07
N PHE A 220 -8.03 9.78 -18.91
CA PHE A 220 -7.45 11.01 -18.40
C PHE A 220 -5.93 10.92 -18.17
N LEU A 221 -5.51 9.80 -17.59
CA LEU A 221 -4.09 9.53 -17.38
C LEU A 221 -3.37 9.52 -18.73
N ILE A 222 -3.90 8.75 -19.68
CA ILE A 222 -3.31 8.67 -21.02
C ILE A 222 -3.26 10.03 -21.71
N ASP A 223 -4.32 10.83 -21.54
CA ASP A 223 -4.32 12.18 -22.13
C ASP A 223 -3.22 13.05 -21.52
N MET A 224 -3.00 12.93 -20.21
CA MET A 224 -1.88 13.61 -19.56
C MET A 224 -0.54 13.20 -20.18
N ILE A 225 -0.38 11.92 -20.48
CA ILE A 225 0.83 11.43 -21.11
C ILE A 225 0.99 11.97 -22.53
N LYS A 226 -0.08 11.87 -23.32
CA LYS A 226 -0.10 12.39 -24.69
C LYS A 226 0.22 13.89 -24.73
N ASN A 227 -0.25 14.64 -23.75
CA ASN A 227 -0.02 16.08 -23.71
C ASN A 227 1.31 16.46 -23.01
N LYS A 228 2.12 15.46 -22.66
CA LYS A 228 3.44 15.65 -22.04
C LYS A 228 3.40 16.26 -20.64
N ASN A 229 2.28 16.09 -19.94
CA ASN A 229 2.21 16.45 -18.53
C ASN A 229 2.92 15.40 -17.70
N MET A 230 2.95 14.16 -18.21
CA MET A 230 3.67 13.07 -17.58
C MET A 230 4.29 12.17 -18.64
N SER A 231 5.21 11.31 -18.19
CA SER A 231 5.88 10.39 -19.08
C SER A 231 5.55 8.95 -18.68
N ALA A 232 5.25 8.11 -19.66
CA ALA A 232 4.89 6.71 -19.43
C ALA A 232 5.94 5.92 -18.66
N ASP A 233 7.20 6.35 -18.74
CA ASP A 233 8.28 5.56 -18.13
C ASP A 233 8.56 5.90 -16.68
N THR A 234 7.81 6.84 -16.12
CA THR A 234 8.03 7.26 -14.74
C THR A 234 7.76 6.14 -13.76
N ASP A 235 8.73 5.90 -12.87
CA ASP A 235 8.59 4.88 -11.85
C ASP A 235 8.73 5.47 -10.46
N TYR A 236 8.81 4.60 -9.45
CA TYR A 236 8.88 5.08 -8.08
C TYR A 236 10.10 6.00 -7.87
N SER A 237 11.27 5.53 -8.29
CA SER A 237 12.53 6.26 -8.08
C SER A 237 12.57 7.59 -8.79
N ILE A 238 12.14 7.62 -10.05
CA ILE A 238 12.13 8.84 -10.84
C ILE A 238 11.23 9.91 -10.22
N ALA A 239 10.00 9.50 -9.85
CA ALA A 239 9.01 10.42 -9.25
C ALA A 239 9.53 10.95 -7.92
N GLU A 240 10.08 10.05 -7.12
CA GLU A 240 10.57 10.43 -5.79
C GLU A 240 11.71 11.46 -5.89
N ALA A 241 12.68 11.17 -6.76
CA ALA A 241 13.84 12.07 -6.97
C ALA A 241 13.38 13.44 -7.45
N ALA A 242 12.44 13.46 -8.40
CA ALA A 242 11.95 14.71 -8.97
C ALA A 242 11.21 15.53 -7.93
N PHE A 243 10.34 14.89 -7.14
CA PHE A 243 9.66 15.65 -6.11
C PHE A 243 10.62 16.16 -5.02
N ASN A 244 11.50 15.28 -4.56
CA ASN A 244 12.35 15.61 -3.41
C ASN A 244 13.44 16.62 -3.77
N LYS A 245 13.70 16.77 -5.07
CA LYS A 245 14.67 17.77 -5.56
C LYS A 245 13.99 19.07 -5.99
N GLY A 246 12.67 19.13 -5.88
CA GLY A 246 11.95 20.37 -6.20
C GLY A 246 11.71 20.61 -7.68
N GLU A 247 11.75 19.54 -8.46
CA GLU A 247 11.59 19.59 -9.93
C GLU A 247 10.14 19.49 -10.38
N THR A 248 9.33 18.75 -9.61
CA THR A 248 7.89 18.66 -9.84
C THR A 248 7.17 19.14 -8.58
N ALA A 249 5.99 19.73 -8.77
CA ALA A 249 5.27 20.40 -7.70
C ALA A 249 4.50 19.44 -6.80
N MET A 250 4.19 18.25 -7.32
CA MET A 250 3.33 17.31 -6.62
C MET A 250 3.73 15.88 -6.93
N THR A 251 3.37 14.98 -6.02
CA THR A 251 3.53 13.55 -6.23
C THR A 251 2.37 12.82 -5.55
N ILE A 252 2.26 11.52 -5.79
CA ILE A 252 1.25 10.72 -5.13
C ILE A 252 2.02 9.61 -4.45
N ASN A 253 1.88 9.51 -3.14
CA ASN A 253 2.64 8.49 -2.39
C ASN A 253 2.02 8.20 -1.04
N GLY A 254 2.57 7.21 -0.35
CA GLY A 254 2.06 6.84 0.95
C GLY A 254 3.01 7.28 2.05
N PRO A 255 2.63 7.02 3.30
CA PRO A 255 3.35 7.48 4.50
C PRO A 255 4.82 7.08 4.53
N TRP A 256 5.17 5.91 3.99
CA TRP A 256 6.56 5.44 3.99
C TRP A 256 7.48 6.44 3.26
N ALA A 257 6.92 7.22 2.33
CA ALA A 257 7.73 8.18 1.58
C ALA A 257 8.09 9.46 2.36
N TRP A 258 7.39 9.76 3.45
CA TRP A 258 7.52 11.09 4.06
C TRP A 258 8.91 11.34 4.62
N SER A 259 9.57 10.32 5.14
CA SER A 259 10.82 10.63 5.83
C SER A 259 11.94 11.04 4.86
N ASN A 260 11.95 10.51 3.63
CA ASN A 260 12.86 11.03 2.62
C ASN A 260 12.56 12.49 2.23
N ILE A 261 11.27 12.84 2.19
CA ILE A 261 10.92 14.25 1.92
C ILE A 261 11.30 15.14 3.11
N ASP A 262 11.14 14.62 4.33
CA ASP A 262 11.59 15.36 5.51
C ASP A 262 13.07 15.78 5.38
N LYS A 263 13.92 14.83 4.97
CA LYS A 263 15.35 15.05 4.77
C LYS A 263 15.71 15.99 3.61
N SER A 264 14.77 16.15 2.67
CA SER A 264 15.00 16.97 1.48
C SER A 264 14.78 18.43 1.83
N LYS A 265 15.06 19.29 0.87
CA LYS A 265 14.84 20.72 1.06
C LYS A 265 13.39 21.16 0.88
N VAL A 266 12.52 20.22 0.50
CA VAL A 266 11.13 20.56 0.15
C VAL A 266 10.21 20.74 1.36
N ASN A 267 9.51 21.87 1.39
CA ASN A 267 8.45 22.09 2.35
C ASN A 267 7.18 21.55 1.71
N TYR A 268 6.73 20.42 2.23
CA TYR A 268 5.65 19.67 1.61
C TYR A 268 4.43 19.61 2.52
N GLY A 269 3.26 19.52 1.91
CA GLY A 269 2.02 19.19 2.59
C GLY A 269 1.45 17.89 2.05
N VAL A 270 0.59 17.27 2.85
CA VAL A 270 -0.11 16.03 2.47
C VAL A 270 -1.61 16.33 2.53
N THR A 271 -2.33 15.99 1.46
CA THR A 271 -3.72 16.44 1.36
C THR A 271 -4.60 15.46 0.60
N LEU A 272 -5.89 15.76 0.56
CA LEU A 272 -6.85 15.01 -0.25
C LEU A 272 -6.40 14.91 -1.71
N LEU A 273 -6.53 13.71 -2.26
CA LEU A 273 -6.30 13.50 -3.69
C LEU A 273 -7.30 14.37 -4.47
N PRO A 274 -6.94 14.76 -5.70
CA PRO A 274 -7.89 15.55 -6.49
C PRO A 274 -9.13 14.72 -6.87
N THR A 275 -10.23 15.41 -7.13
CA THR A 275 -11.44 14.76 -7.61
C THR A 275 -11.32 14.54 -9.12
N PHE A 276 -12.10 13.59 -9.62
CA PHE A 276 -12.18 13.39 -11.06
C PHE A 276 -13.66 13.29 -11.42
N LYS A 277 -14.04 14.09 -12.43
CA LYS A 277 -15.46 14.27 -12.79
C LYS A 277 -16.33 14.56 -11.55
N GLY A 278 -15.78 15.33 -10.61
CA GLY A 278 -16.52 15.73 -9.41
C GLY A 278 -16.61 14.71 -8.29
N LYS A 279 -16.00 13.54 -8.50
CA LYS A 279 -15.99 12.42 -7.53
C LYS A 279 -14.62 12.27 -6.88
N PRO A 280 -14.56 11.81 -5.62
CA PRO A 280 -13.24 11.70 -4.99
C PRO A 280 -12.40 10.60 -5.65
N SER A 281 -11.08 10.77 -5.66
CA SER A 281 -10.18 9.65 -6.04
C SER A 281 -10.33 8.60 -4.94
N LYS A 282 -10.17 7.34 -5.30
CA LYS A 282 -10.50 6.26 -4.39
C LYS A 282 -9.33 5.32 -4.26
N PRO A 283 -8.40 5.66 -3.38
CA PRO A 283 -7.24 4.80 -3.23
C PRO A 283 -7.65 3.50 -2.59
N PHE A 284 -7.04 2.40 -3.01
CA PHE A 284 -7.24 1.13 -2.35
C PHE A 284 -6.44 1.16 -1.04
N VAL A 285 -7.11 0.85 0.08
CA VAL A 285 -6.50 0.97 1.40
C VAL A 285 -5.86 -0.37 1.78
N GLY A 286 -4.57 -0.34 2.13
CA GLY A 286 -3.87 -1.55 2.59
C GLY A 286 -3.63 -1.53 4.09
N VAL A 287 -3.76 -2.70 4.70
CA VAL A 287 -3.39 -2.82 6.10
C VAL A 287 -2.10 -3.63 6.10
N LEU A 288 -1.00 -2.96 6.40
CA LEU A 288 0.29 -3.63 6.59
C LEU A 288 0.08 -4.64 7.71
N SER A 289 0.39 -5.90 7.41
CA SER A 289 0.08 -7.01 8.31
C SER A 289 1.26 -7.95 8.41
N ALA A 290 1.33 -8.65 9.55
CA ALA A 290 2.42 -9.57 9.83
C ALA A 290 1.84 -10.98 9.94
N GLY A 291 2.20 -11.85 8.99
CA GLY A 291 1.70 -13.23 8.99
C GLY A 291 2.76 -14.17 9.51
N ILE A 292 2.34 -15.25 10.15
CA ILE A 292 3.28 -16.28 10.61
C ILE A 292 3.25 -17.47 9.65
N ASN A 293 4.41 -17.84 9.12
CA ASN A 293 4.56 -18.98 8.22
C ASN A 293 3.99 -20.23 8.90
N ALA A 294 3.10 -20.92 8.19
CA ALA A 294 2.51 -22.16 8.71
C ALA A 294 3.58 -23.22 8.98
N ALA A 295 4.72 -23.10 8.29
CA ALA A 295 5.86 -24.02 8.49
C ALA A 295 6.84 -23.58 9.56
N SER A 296 6.60 -22.45 10.20
CA SER A 296 7.53 -21.96 11.21
C SER A 296 7.54 -22.87 12.45
N PRO A 297 8.73 -23.34 12.87
CA PRO A 297 8.83 -24.03 14.17
C PRO A 297 8.94 -23.04 15.34
N ASN A 298 8.71 -21.76 15.07
CA ASN A 298 8.89 -20.69 16.05
C ASN A 298 7.62 -19.85 16.25
N LYS A 299 6.46 -20.48 16.11
CA LYS A 299 5.19 -19.76 16.21
C LYS A 299 4.96 -19.04 17.54
N GLU A 300 5.39 -19.65 18.64
CA GLU A 300 5.28 -19.00 19.95
C GLU A 300 6.17 -17.77 20.09
N LEU A 301 7.41 -17.87 19.61
CA LEU A 301 8.36 -16.74 19.61
C LEU A 301 7.82 -15.62 18.74
N ALA A 302 7.25 -15.99 17.58
CA ALA A 302 6.66 -15.02 16.66
C ALA A 302 5.51 -14.24 17.33
N LYS A 303 4.63 -14.96 18.03
CA LYS A 303 3.51 -14.35 18.74
C LYS A 303 4.03 -13.39 19.81
N GLU A 304 5.03 -13.85 20.57
CA GLU A 304 5.63 -13.02 21.62
C GLU A 304 6.24 -11.74 21.03
N PHE A 305 6.99 -11.90 19.95
CA PHE A 305 7.61 -10.75 19.29
C PHE A 305 6.56 -9.76 18.80
N LEU A 306 5.58 -10.28 18.06
CA LEU A 306 4.58 -9.43 17.44
C LEU A 306 3.64 -8.76 18.46
N GLU A 307 3.14 -9.52 19.43
CA GLU A 307 2.21 -8.97 20.43
C GLU A 307 2.88 -8.09 21.49
N ASN A 308 4.02 -8.53 21.97
CA ASN A 308 4.61 -7.93 23.15
C ASN A 308 5.81 -7.03 22.90
N TYR A 309 6.29 -7.03 21.66
CA TYR A 309 7.41 -6.16 21.27
C TYR A 309 7.01 -5.16 20.19
N LEU A 310 6.51 -5.67 19.07
CA LEU A 310 6.19 -4.77 17.96
C LEU A 310 4.94 -3.95 18.20
N LEU A 311 3.86 -4.61 18.57
CA LEU A 311 2.58 -3.93 18.73
C LEU A 311 2.45 -3.29 20.13
N THR A 312 3.41 -2.41 20.41
CA THR A 312 3.49 -1.59 21.61
C THR A 312 3.84 -0.20 21.11
N ASP A 313 3.52 0.82 21.90
CA ASP A 313 3.96 2.19 21.59
C ASP A 313 5.46 2.28 21.22
N GLN A 314 6.31 1.64 22.04
CA GLN A 314 7.76 1.64 21.83
C GLN A 314 8.15 0.96 20.52
N GLY A 315 7.52 -0.18 20.22
CA GLY A 315 7.86 -0.96 19.01
C GLY A 315 7.47 -0.20 17.75
N LEU A 316 6.25 0.30 17.73
CA LEU A 316 5.77 1.05 16.57
C LEU A 316 6.57 2.33 16.39
N GLU A 317 6.93 2.97 17.50
CA GLU A 317 7.76 4.18 17.45
C GLU A 317 9.09 3.90 16.76
N ALA A 318 9.72 2.77 17.08
CA ALA A 318 10.99 2.40 16.49
C ALA A 318 10.88 2.28 14.97
N VAL A 319 9.83 1.62 14.50
CA VAL A 319 9.63 1.46 13.06
C VAL A 319 9.25 2.80 12.44
N ASN A 320 8.31 3.46 13.08
CA ASN A 320 7.76 4.73 12.58
C ASN A 320 8.83 5.83 12.41
N LYS A 321 9.79 5.89 13.34
CA LYS A 321 10.89 6.86 13.25
C LYS A 321 11.77 6.63 12.03
N ASP A 322 11.81 5.37 11.58
CA ASP A 322 12.62 4.96 10.44
C ASP A 322 11.91 5.39 9.14
N LYS A 323 10.75 4.79 8.88
CA LYS A 323 9.85 5.17 7.81
C LYS A 323 8.46 5.17 8.40
N PRO A 324 7.72 6.29 8.27
CA PRO A 324 6.38 6.38 8.83
C PRO A 324 5.44 5.28 8.34
N LEU A 325 4.71 4.71 9.30
CA LEU A 325 3.75 3.64 9.06
C LEU A 325 2.43 4.16 8.52
N GLY A 326 2.14 5.43 8.76
CA GLY A 326 0.80 5.98 8.51
C GLY A 326 -0.04 5.94 9.76
N ALA A 327 -1.34 5.75 9.60
CA ALA A 327 -2.21 5.48 10.73
C ALA A 327 -1.86 4.07 11.18
N VAL A 328 -1.91 3.81 12.48
CA VAL A 328 -1.57 2.47 12.95
C VAL A 328 -2.79 1.74 13.48
N ALA A 329 -2.69 0.43 13.58
CA ALA A 329 -3.77 -0.40 14.10
C ALA A 329 -3.89 -0.33 15.63
N LEU A 330 -2.77 0.00 16.29
CA LEU A 330 -2.70 0.02 17.76
C LEU A 330 -3.27 1.35 18.28
N LYS A 331 -4.40 1.28 18.99
CA LYS A 331 -5.15 2.49 19.38
C LYS A 331 -4.27 3.44 20.21
N SER A 332 -3.52 2.88 21.17
CA SER A 332 -2.70 3.70 22.07
C SER A 332 -1.68 4.55 21.31
N PHE A 333 -1.11 4.02 20.24
CA PHE A 333 -0.12 4.76 19.48
C PHE A 333 -0.77 5.68 18.44
N GLN A 334 -1.84 5.21 17.81
CA GLN A 334 -2.59 6.05 16.87
C GLN A 334 -3.05 7.36 17.51
N GLU A 335 -3.41 7.29 18.79
CA GLU A 335 -3.86 8.49 19.51
C GLU A 335 -2.80 9.59 19.55
N GLN A 336 -1.55 9.17 19.54
CA GLN A 336 -0.39 10.07 19.53
C GLN A 336 -0.09 10.63 18.14
N LEU A 337 -0.54 9.93 17.10
CA LEU A 337 -0.29 10.31 15.70
C LEU A 337 -1.41 11.16 15.12
N ALA A 338 -2.60 11.00 15.68
CA ALA A 338 -3.84 11.55 15.12
C ALA A 338 -3.78 13.03 14.76
N LYS A 339 -3.10 13.82 15.59
CA LYS A 339 -2.98 15.29 15.44
C LYS A 339 -2.17 15.76 14.21
N ASP A 340 -1.30 14.88 13.69
CA ASP A 340 -0.42 15.19 12.56
C ASP A 340 -1.28 15.39 11.30
N PRO A 341 -1.19 16.57 10.65
CA PRO A 341 -2.03 16.77 9.46
C PRO A 341 -1.81 15.73 8.35
N ARG A 342 -0.60 15.16 8.28
CA ARG A 342 -0.30 14.14 7.28
C ARG A 342 -1.09 12.85 7.55
N ILE A 343 -1.28 12.54 8.82
CA ILE A 343 -2.06 11.38 9.26
C ILE A 343 -3.56 11.63 9.06
N ALA A 344 -4.00 12.84 9.38
CA ALA A 344 -5.37 13.24 9.11
C ALA A 344 -5.69 13.10 7.62
N ALA A 345 -4.77 13.56 6.77
CA ALA A 345 -4.93 13.49 5.30
C ALA A 345 -4.97 12.03 4.84
N THR A 346 -4.11 11.20 5.43
CA THR A 346 -4.06 9.77 5.10
C THR A 346 -5.43 9.14 5.37
N MET A 347 -5.97 9.42 6.55
CA MET A 347 -7.27 8.87 6.92
CA MET A 347 -7.28 8.90 6.95
C MET A 347 -8.42 9.44 6.08
N ASP A 348 -8.35 10.72 5.74
CA ASP A 348 -9.35 11.32 4.86
C ASP A 348 -9.37 10.61 3.49
N ASN A 349 -8.20 10.42 2.90
CA ASN A 349 -8.11 9.65 1.66
C ASN A 349 -8.58 8.20 1.79
N ALA A 350 -8.21 7.56 2.91
CA ALA A 350 -8.63 6.18 3.17
C ALA A 350 -10.16 6.07 3.23
N GLN A 351 -10.80 7.06 3.84
CA GLN A 351 -12.25 7.06 4.01
C GLN A 351 -12.98 7.24 2.67
N LYS A 352 -12.32 7.92 1.72
CA LYS A 352 -12.90 8.04 0.36
C LYS A 352 -12.70 6.77 -0.47
N GLY A 353 -11.67 6.00 -0.12
CA GLY A 353 -11.33 4.80 -0.88
C GLY A 353 -12.02 3.58 -0.33
N GLU A 354 -11.46 2.42 -0.62
CA GLU A 354 -12.02 1.16 -0.10
C GLU A 354 -10.92 0.28 0.41
N ILE A 355 -11.20 -0.48 1.46
CA ILE A 355 -10.24 -1.46 1.98
C ILE A 355 -10.12 -2.57 0.94
N MET A 356 -8.89 -2.98 0.61
CA MET A 356 -8.72 -4.02 -0.41
C MET A 356 -9.36 -5.32 0.06
N PRO A 357 -9.95 -6.10 -0.88
CA PRO A 357 -10.20 -7.52 -0.57
C PRO A 357 -8.89 -8.22 -0.24
N ASN A 358 -8.97 -9.29 0.55
CA ASN A 358 -7.81 -10.16 0.77
C ASN A 358 -7.90 -11.46 -0.01
N ILE A 359 -8.92 -11.58 -0.88
CA ILE A 359 -9.20 -12.84 -1.60
C ILE A 359 -8.06 -13.22 -2.56
N PRO A 360 -7.87 -14.53 -2.80
CA PRO A 360 -6.78 -14.99 -3.66
C PRO A 360 -6.77 -14.32 -5.02
N GLN A 361 -7.94 -13.98 -5.54
CA GLN A 361 -8.07 -13.45 -6.89
C GLN A 361 -7.55 -12.00 -7.00
N MET A 362 -7.13 -11.43 -5.88
CA MET A 362 -6.47 -10.10 -5.94
C MET A 362 -5.18 -10.14 -6.78
N SER A 363 -4.51 -11.30 -6.81
CA SER A 363 -3.36 -11.50 -7.69
C SER A 363 -3.74 -11.32 -9.16
N ALA A 364 -4.74 -12.07 -9.63
CA ALA A 364 -5.23 -11.96 -11.00
C ALA A 364 -5.56 -10.50 -11.31
N PHE A 365 -6.27 -9.87 -10.39
CA PHE A 365 -6.67 -8.45 -10.57
C PHE A 365 -5.46 -7.53 -10.76
N TRP A 366 -4.52 -7.56 -9.82
CA TRP A 366 -3.40 -6.63 -9.87
C TRP A 366 -2.51 -6.85 -11.07
N TYR A 367 -2.18 -8.10 -11.39
CA TYR A 367 -1.28 -8.35 -12.51
C TYR A 367 -1.94 -7.91 -13.82
N ALA A 368 -3.23 -8.17 -13.95
CA ALA A 368 -3.96 -7.83 -15.18
C ALA A 368 -4.08 -6.31 -15.31
N VAL A 369 -4.40 -5.64 -14.21
CA VAL A 369 -4.46 -4.17 -14.23
C VAL A 369 -3.10 -3.54 -14.53
N ARG A 370 -2.03 -4.10 -13.96
CA ARG A 370 -0.66 -3.62 -14.21
C ARG A 370 -0.39 -3.59 -15.71
N THR A 371 -0.69 -4.70 -16.38
CA THR A 371 -0.47 -4.85 -17.83
C THR A 371 -1.32 -3.85 -18.59
N ALA A 372 -2.58 -3.71 -18.18
CA ALA A 372 -3.48 -2.78 -18.86
C ALA A 372 -2.97 -1.33 -18.82
N VAL A 373 -2.54 -0.89 -17.64
CA VAL A 373 -2.07 0.49 -17.48
C VAL A 373 -0.78 0.72 -18.29
N ILE A 374 0.16 -0.21 -18.18
CA ILE A 374 1.41 -0.10 -18.93
C ILE A 374 1.18 -0.07 -20.45
N ASN A 375 0.33 -0.97 -20.95
CA ASN A 375 0.05 -1.01 -22.39
C ASN A 375 -0.66 0.25 -22.90
N ALA A 376 -1.58 0.76 -22.10
CA ALA A 376 -2.33 1.96 -22.52
C ALA A 376 -1.41 3.20 -22.46
N ALA A 377 -0.60 3.27 -21.41
CA ALA A 377 0.30 4.43 -21.23
C ALA A 377 1.36 4.50 -22.32
N SER A 378 1.84 3.33 -22.75
CA SER A 378 2.90 3.20 -23.74
C SER A 378 2.37 3.36 -25.15
N GLY A 379 1.05 3.25 -25.30
CA GLY A 379 0.41 3.28 -26.61
C GLY A 379 0.35 1.94 -27.32
N ARG A 380 0.81 0.87 -26.68
CA ARG A 380 0.71 -0.48 -27.26
C ARG A 380 -0.75 -0.91 -27.48
N GLN A 381 -1.64 -0.48 -26.58
CA GLN A 381 -3.08 -0.69 -26.73
C GLN A 381 -3.83 0.59 -26.46
N THR A 382 -5.04 0.68 -26.98
CA THR A 382 -5.98 1.73 -26.59
C THR A 382 -6.42 1.45 -25.14
N VAL A 383 -6.99 2.45 -24.49
CA VAL A 383 -7.56 2.29 -23.14
C VAL A 383 -8.63 1.20 -23.14
N ASP A 384 -9.54 1.28 -24.11
CA ASP A 384 -10.63 0.31 -24.19
C ASP A 384 -10.10 -1.11 -24.38
N ALA A 385 -9.19 -1.30 -25.32
CA ALA A 385 -8.72 -2.67 -25.61
C ALA A 385 -7.92 -3.22 -24.45
N ALA A 386 -7.16 -2.36 -23.79
CA ALA A 386 -6.34 -2.80 -22.64
C ALA A 386 -7.21 -3.25 -21.47
N LEU A 387 -8.22 -2.43 -21.14
CA LEU A 387 -9.09 -2.78 -20.00
C LEU A 387 -10.02 -3.93 -20.32
N LYS A 388 -10.50 -4.02 -21.56
CA LYS A 388 -11.31 -5.18 -21.93
C LYS A 388 -10.48 -6.47 -21.79
N ASP A 389 -9.21 -6.44 -22.20
CA ASP A 389 -8.35 -7.64 -22.06
C ASP A 389 -8.11 -7.95 -20.57
N ALA A 390 -7.99 -6.90 -19.75
CA ALA A 390 -7.78 -7.13 -18.32
C ALA A 390 -9.02 -7.80 -17.72
N GLN A 391 -10.19 -7.28 -18.05
CA GLN A 391 -11.45 -7.84 -17.57
C GLN A 391 -11.58 -9.33 -17.94
N SER A 392 -11.28 -9.67 -19.20
CA SER A 392 -11.32 -11.08 -19.64
C SER A 392 -10.36 -11.98 -18.87
N ARG A 393 -9.16 -11.49 -18.60
CA ARG A 393 -8.13 -12.24 -17.87
C ARG A 393 -8.55 -12.50 -16.43
N ILE A 394 -9.12 -11.47 -15.79
CA ILE A 394 -9.46 -11.56 -14.37
C ILE A 394 -10.65 -12.52 -14.14
N THR A 395 -11.62 -12.48 -15.04
CA THR A 395 -12.86 -13.25 -14.87
C THR A 395 -12.81 -14.64 -15.51
N LYS A 396 -11.63 -15.05 -15.99
CA LYS A 396 -11.43 -16.43 -16.40
C LYS A 396 -11.56 -17.35 -15.18
#